data_6BWS
#
_entry.id   6BWS
#
_cell.length_a   71.817
_cell.length_b   72.000
_cell.length_c   105.176
_cell.angle_alpha   90.00
_cell.angle_beta   90.00
_cell.angle_gamma   90.00
#
_symmetry.space_group_name_H-M   'P 2 21 21'
#
loop_
_entity.id
_entity.type
_entity.pdbx_description
1 polymer 'Glycolate utilization protein'
2 water water
#
_entity_poly.entity_id   1
_entity_poly.type   'polypeptide(L)'
_entity_poly.pdbx_seq_one_letter_code
;MGSSHHHHHHSSGLVPRGSHMHVTIEQAEKAIQAARAKAVELGTQMCIAIVDSGGNLKAFHRMDGAWVGSIDIAQKKAKT
AVFFGMKTGQIGALSQPGGSLYGIEHSNQGLITFPGGIPIVDADGEMSGAIGVSGSSVENDDAVALAGASAIGDTELPDH
PWRT
;
_entity_poly.pdbx_strand_id   A,B,C,D
#
# COMPACT_ATOMS: atom_id res chain seq x y z
N MET A 21 -18.77 -0.54 2.14
CA MET A 21 -17.94 -1.62 2.66
C MET A 21 -18.81 -2.79 3.07
N HIS A 22 -18.97 -3.76 2.16
CA HIS A 22 -19.79 -4.93 2.41
C HIS A 22 -19.11 -6.29 2.13
N VAL A 23 -17.99 -6.37 1.39
CA VAL A 23 -17.43 -7.69 1.07
C VAL A 23 -16.73 -8.26 2.30
N THR A 24 -17.13 -9.47 2.72
CA THR A 24 -16.60 -10.04 3.94
C THR A 24 -15.25 -10.72 3.71
N ILE A 25 -14.49 -10.92 4.79
CA ILE A 25 -13.20 -11.57 4.63
C ILE A 25 -13.40 -13.00 4.14
N GLU A 26 -14.52 -13.62 4.53
CA GLU A 26 -14.85 -14.95 4.03
C GLU A 26 -15.00 -14.93 2.50
N GLN A 27 -15.75 -13.97 1.97
CA GLN A 27 -15.95 -13.88 0.53
C GLN A 27 -14.66 -13.55 -0.19
N ALA A 28 -13.89 -12.60 0.34
CA ALA A 28 -12.62 -12.25 -0.25
C ALA A 28 -11.71 -13.46 -0.38
N GLU A 29 -11.61 -14.26 0.68
CA GLU A 29 -10.75 -15.43 0.66
C GLU A 29 -11.26 -16.48 -0.32
N LYS A 30 -12.59 -16.64 -0.43
CA LYS A 30 -13.18 -17.55 -1.41
C LYS A 30 -12.85 -17.12 -2.85
N ALA A 31 -12.95 -15.81 -3.13
CA ALA A 31 -12.56 -15.30 -4.44
C ALA A 31 -11.07 -15.55 -4.70
N ILE A 32 -10.22 -15.30 -3.70
CA ILE A 32 -8.81 -15.53 -3.91
C ILE A 32 -8.56 -16.99 -4.27
N GLN A 33 -9.27 -17.91 -3.58
CA GLN A 33 -9.06 -19.32 -3.87
C GLN A 33 -9.58 -19.69 -5.26
N ALA A 34 -10.76 -19.19 -5.67
CA ALA A 34 -11.24 -19.46 -7.02
C ALA A 34 -10.31 -18.87 -8.06
N ALA A 35 -9.76 -17.68 -7.78
CA ALA A 35 -8.76 -17.06 -8.66
C ALA A 35 -7.46 -17.88 -8.71
N ARG A 36 -6.93 -18.27 -7.54
CA ARG A 36 -5.70 -19.06 -7.52
C ARG A 36 -5.85 -20.35 -8.31
N ALA A 37 -7.03 -20.98 -8.20
CA ALA A 37 -7.26 -22.23 -8.90
C ALA A 37 -7.28 -22.02 -10.39
N LYS A 38 -7.87 -20.92 -10.85
CA LYS A 38 -7.86 -20.65 -12.28
C LYS A 38 -6.44 -20.33 -12.74
N ALA A 39 -5.67 -19.68 -11.87
CA ALA A 39 -4.30 -19.31 -12.22
C ALA A 39 -3.42 -20.55 -12.40
N VAL A 40 -3.57 -21.53 -11.51
CA VAL A 40 -2.84 -22.79 -11.61
C VAL A 40 -3.23 -23.56 -12.86
N GLU A 41 -4.53 -23.57 -13.18
CA GLU A 41 -5.02 -24.19 -14.42
C GLU A 41 -4.38 -23.55 -15.66
N LEU A 42 -4.31 -22.21 -15.70
CA LEU A 42 -3.69 -21.53 -16.83
C LEU A 42 -2.15 -21.55 -16.82
N GLY A 43 -1.52 -22.10 -15.78
CA GLY A 43 -0.07 -22.15 -15.74
C GLY A 43 0.60 -20.85 -15.34
N THR A 44 -0.07 -20.05 -14.54
CA THR A 44 0.39 -18.69 -14.22
C THR A 44 0.69 -18.55 -12.73
N GLN A 45 1.45 -17.49 -12.40
CA GLN A 45 1.78 -17.12 -11.03
C GLN A 45 1.30 -15.68 -10.83
N MET A 46 0.26 -15.50 -10.04
CA MET A 46 -0.46 -14.23 -9.97
C MET A 46 -0.40 -13.59 -8.60
N CYS A 47 -0.44 -12.26 -8.59
CA CYS A 47 -0.88 -11.51 -7.42
C CYS A 47 -2.37 -11.23 -7.53
N ILE A 48 -3.10 -11.42 -6.41
CA ILE A 48 -4.55 -11.26 -6.34
C ILE A 48 -4.87 -10.34 -5.17
N ALA A 49 -5.63 -9.27 -5.44
CA ALA A 49 -6.01 -8.30 -4.42
C ALA A 49 -7.52 -8.16 -4.36
N ILE A 50 -8.05 -7.99 -3.15
CA ILE A 50 -9.47 -7.70 -2.97
C ILE A 50 -9.56 -6.38 -2.21
N VAL A 51 -10.31 -5.41 -2.77
CA VAL A 51 -10.59 -4.17 -2.04
C VAL A 51 -12.08 -4.03 -1.73
N ASP A 52 -12.38 -3.21 -0.72
CA ASP A 52 -13.76 -2.95 -0.36
C ASP A 52 -14.30 -1.79 -1.20
N SER A 53 -15.53 -1.37 -0.88
CA SER A 53 -16.19 -0.41 -1.74
C SER A 53 -15.59 0.97 -1.64
N GLY A 54 -14.75 1.22 -0.63
CA GLY A 54 -14.02 2.48 -0.56
C GLY A 54 -12.63 2.46 -1.16
N GLY A 55 -12.22 1.33 -1.74
CA GLY A 55 -10.89 1.17 -2.27
C GLY A 55 -9.87 0.72 -1.25
N ASN A 56 -10.27 0.45 -0.02
CA ASN A 56 -9.35 0.01 1.01
C ASN A 56 -9.09 -1.49 0.94
N LEU A 57 -7.83 -1.86 1.10
CA LEU A 57 -7.43 -3.27 0.96
C LEU A 57 -8.12 -4.15 1.97
N LYS A 58 -8.69 -5.24 1.48
CA LYS A 58 -9.33 -6.26 2.33
C LYS A 58 -8.56 -7.57 2.40
N ALA A 59 -7.92 -8.01 1.31
CA ALA A 59 -7.20 -9.29 1.29
C ALA A 59 -6.19 -9.26 0.16
N PHE A 60 -5.09 -10.00 0.33
CA PHE A 60 -4.08 -10.02 -0.71
C PHE A 60 -3.37 -11.37 -0.67
N HIS A 61 -3.08 -11.91 -1.86
CA HIS A 61 -2.39 -13.19 -2.00
C HIS A 61 -1.38 -13.10 -3.15
N ARG A 62 -0.05 -13.19 -2.87
CA ARG A 62 0.95 -13.32 -3.93
C ARG A 62 1.37 -14.78 -4.05
N MET A 63 0.99 -15.42 -5.17
CA MET A 63 1.44 -16.78 -5.42
C MET A 63 2.96 -16.82 -5.48
N ASP A 64 3.53 -17.94 -5.07
CA ASP A 64 4.97 -18.10 -5.20
C ASP A 64 5.41 -17.95 -6.65
N GLY A 65 6.50 -17.19 -6.84
CA GLY A 65 7.07 -16.96 -8.15
C GLY A 65 6.44 -15.84 -8.94
N ALA A 66 5.37 -15.21 -8.45
CA ALA A 66 4.74 -14.10 -9.15
C ALA A 66 5.71 -12.92 -9.26
N TRP A 67 5.61 -12.19 -10.37
CA TRP A 67 6.41 -10.97 -10.54
C TRP A 67 6.20 -9.97 -9.41
N VAL A 68 7.30 -9.42 -8.89
CA VAL A 68 7.22 -8.44 -7.82
C VAL A 68 6.45 -7.21 -8.25
N GLY A 69 6.56 -6.83 -9.54
CA GLY A 69 5.85 -5.65 -9.99
C GLY A 69 4.35 -5.84 -10.03
N SER A 70 3.90 -7.10 -10.03
CA SER A 70 2.47 -7.35 -10.05
C SER A 70 1.84 -7.08 -8.68
N ILE A 71 2.62 -6.97 -7.60
CA ILE A 71 2.04 -6.67 -6.29
C ILE A 71 1.28 -5.34 -6.33
N ASP A 72 1.94 -4.29 -6.82
CA ASP A 72 1.30 -2.99 -6.89
C ASP A 72 0.20 -2.97 -7.96
N ILE A 73 0.45 -3.59 -9.11
CA ILE A 73 -0.51 -3.57 -10.20
C ILE A 73 -1.83 -4.24 -9.80
N ALA A 74 -1.76 -5.40 -9.14
CA ALA A 74 -3.02 -6.05 -8.76
C ALA A 74 -3.83 -5.16 -7.84
N GLN A 75 -3.15 -4.47 -6.91
CA GLN A 75 -3.86 -3.59 -5.99
C GLN A 75 -4.45 -2.38 -6.71
N LYS A 76 -3.67 -1.77 -7.62
CA LYS A 76 -4.19 -0.64 -8.38
C LYS A 76 -5.34 -1.05 -9.28
N LYS A 77 -5.30 -2.27 -9.85
CA LYS A 77 -6.40 -2.74 -10.69
C LYS A 77 -7.68 -2.87 -9.88
N ALA A 78 -7.58 -3.45 -8.68
CA ALA A 78 -8.77 -3.62 -7.85
C ALA A 78 -9.35 -2.28 -7.44
N LYS A 79 -8.46 -1.37 -7.01
CA LYS A 79 -8.85 0.01 -6.72
C LYS A 79 -9.53 0.67 -7.91
N THR A 80 -8.93 0.54 -9.12
CA THR A 80 -9.48 1.22 -10.29
C THR A 80 -10.89 0.72 -10.57
N ALA A 81 -11.08 -0.59 -10.51
CA ALA A 81 -12.39 -1.17 -10.83
C ALA A 81 -13.46 -0.69 -9.86
N VAL A 82 -13.15 -0.66 -8.57
CA VAL A 82 -14.19 -0.27 -7.61
C VAL A 82 -14.40 1.24 -7.63
N PHE A 83 -13.35 2.01 -8.02
CA PHE A 83 -13.50 3.47 -8.05
C PHE A 83 -14.47 3.94 -9.14
N PHE A 84 -14.71 3.11 -10.17
CA PHE A 84 -15.55 3.51 -11.29
C PHE A 84 -16.64 2.50 -11.64
N GLY A 85 -16.66 1.35 -10.98
CA GLY A 85 -17.69 0.36 -11.28
C GLY A 85 -17.57 -0.27 -12.65
N MET A 86 -16.34 -0.50 -13.12
CA MET A 86 -16.09 -1.00 -14.46
C MET A 86 -14.88 -1.92 -14.45
N LYS A 87 -14.89 -2.91 -15.34
CA LYS A 87 -13.66 -3.65 -15.61
C LYS A 87 -12.57 -2.69 -16.08
N THR A 88 -11.33 -2.95 -15.65
CA THR A 88 -10.25 -1.99 -15.90
C THR A 88 -10.03 -1.75 -17.39
N GLY A 89 -10.01 -2.81 -18.20
CA GLY A 89 -9.79 -2.63 -19.64
C GLY A 89 -10.88 -1.84 -20.33
N GLN A 90 -12.07 -1.75 -19.73
CA GLN A 90 -13.10 -0.92 -20.33
C GLN A 90 -12.80 0.56 -20.13
N ILE A 91 -12.14 0.92 -19.02
CA ILE A 91 -11.67 2.28 -18.88
C ILE A 91 -10.56 2.57 -19.89
N GLY A 92 -9.63 1.63 -20.08
CA GLY A 92 -8.55 1.83 -21.05
C GLY A 92 -9.04 2.04 -22.46
N ALA A 93 -10.21 1.48 -22.79
CA ALA A 93 -10.80 1.70 -24.12
C ALA A 93 -11.19 3.14 -24.36
N LEU A 94 -11.35 3.92 -23.28
CA LEU A 94 -11.75 5.31 -23.36
C LEU A 94 -10.59 6.26 -23.08
N SER A 95 -9.44 5.75 -22.66
CA SER A 95 -8.36 6.63 -22.22
C SER A 95 -7.18 6.61 -23.17
N GLN A 96 -7.34 6.02 -24.36
CA GLN A 96 -6.32 6.12 -25.39
C GLN A 96 -6.18 7.55 -25.86
N PRO A 97 -5.06 7.89 -26.51
CA PRO A 97 -4.99 9.19 -27.18
C PRO A 97 -6.24 9.42 -28.01
N GLY A 98 -6.81 10.63 -27.89
CA GLY A 98 -8.06 11.00 -28.55
C GLY A 98 -9.30 10.48 -27.87
N GLY A 99 -9.16 9.69 -26.82
CA GLY A 99 -10.34 9.19 -26.13
C GLY A 99 -10.87 10.18 -25.10
N SER A 100 -12.12 9.96 -24.68
CA SER A 100 -12.76 10.93 -23.79
C SER A 100 -12.08 10.98 -22.42
N LEU A 101 -11.40 9.92 -21.99
CA LEU A 101 -10.75 9.90 -20.68
C LEU A 101 -9.22 9.96 -20.75
N TYR A 102 -8.65 10.46 -21.84
CA TYR A 102 -7.20 10.52 -21.96
C TYR A 102 -6.58 11.20 -20.73
N GLY A 103 -5.60 10.54 -20.13
CA GLY A 103 -4.93 11.07 -18.94
C GLY A 103 -5.52 10.66 -17.61
N ILE A 104 -6.65 9.94 -17.57
CA ILE A 104 -7.28 9.63 -16.29
C ILE A 104 -6.36 8.85 -15.35
N GLU A 105 -5.35 8.15 -15.88
CA GLU A 105 -4.50 7.33 -15.03
C GLU A 105 -3.68 8.17 -14.06
N HIS A 106 -3.53 9.48 -14.33
CA HIS A 106 -2.84 10.34 -13.38
C HIS A 106 -3.61 10.53 -12.08
N SER A 107 -4.92 10.26 -12.08
CA SER A 107 -5.75 10.50 -10.91
C SER A 107 -5.56 9.37 -9.88
N ASN A 108 -5.98 9.67 -8.65
CA ASN A 108 -6.18 8.64 -7.63
C ASN A 108 -4.90 7.89 -7.29
N GLN A 109 -3.78 8.60 -7.30
CA GLN A 109 -2.45 8.05 -7.03
C GLN A 109 -2.05 6.95 -8.01
N GLY A 110 -2.63 6.96 -9.22
CA GLY A 110 -2.21 6.04 -10.27
C GLY A 110 -3.20 4.90 -10.52
N LEU A 111 -3.91 4.94 -11.65
CA LEU A 111 -4.83 3.87 -12.06
C LEU A 111 -4.13 2.90 -12.98
N ILE A 112 -4.76 1.73 -13.18
CA ILE A 112 -4.34 0.76 -14.19
C ILE A 112 -5.56 0.45 -15.01
N THR A 113 -5.45 0.59 -16.33
CA THR A 113 -6.62 0.57 -17.20
C THR A 113 -6.51 -0.49 -18.28
N PHE A 114 -5.62 -1.47 -18.11
CA PHE A 114 -5.64 -2.67 -18.93
C PHE A 114 -6.25 -3.80 -18.12
N PRO A 115 -6.62 -4.93 -18.75
CA PRO A 115 -7.46 -5.91 -18.04
C PRO A 115 -6.82 -6.54 -16.83
N GLY A 116 -7.68 -6.90 -15.89
CA GLY A 116 -7.25 -7.61 -14.68
C GLY A 116 -8.01 -7.20 -13.43
N GLY A 117 -8.76 -6.09 -13.48
CA GLY A 117 -9.61 -5.66 -12.35
C GLY A 117 -11.05 -5.77 -12.73
N ILE A 118 -11.89 -6.26 -11.80
CA ILE A 118 -13.33 -6.51 -12.03
C ILE A 118 -14.14 -6.15 -10.77
N PRO A 119 -15.24 -5.40 -10.89
CA PRO A 119 -16.14 -5.17 -9.75
C PRO A 119 -16.73 -6.45 -9.18
N ILE A 120 -16.86 -6.49 -7.85
CA ILE A 120 -17.67 -7.49 -7.15
C ILE A 120 -19.04 -6.88 -6.86
N VAL A 121 -20.10 -7.53 -7.31
CA VAL A 121 -21.45 -6.97 -7.24
C VAL A 121 -22.32 -7.95 -6.48
N ASP A 122 -22.92 -7.49 -5.37
CA ASP A 122 -23.69 -8.40 -4.53
C ASP A 122 -25.08 -8.64 -5.14
N ALA A 123 -25.86 -9.50 -4.48
CA ALA A 123 -27.14 -9.92 -5.04
C ALA A 123 -28.10 -8.75 -5.24
N ASP A 124 -28.00 -7.71 -4.40
CA ASP A 124 -28.84 -6.51 -4.54
C ASP A 124 -28.43 -5.62 -5.72
N GLY A 125 -27.46 -6.02 -6.53
CA GLY A 125 -26.97 -5.17 -7.59
C GLY A 125 -26.09 -4.04 -7.13
N GLU A 126 -25.66 -4.05 -5.87
CA GLU A 126 -24.75 -3.04 -5.37
C GLU A 126 -23.32 -3.56 -5.45
N MET A 127 -22.39 -2.68 -5.80
CA MET A 127 -20.98 -3.05 -5.83
C MET A 127 -20.42 -3.03 -4.40
N SER A 128 -19.84 -4.13 -3.97
CA SER A 128 -19.34 -4.27 -2.62
C SER A 128 -17.83 -4.27 -2.53
N GLY A 129 -17.13 -4.34 -3.65
CA GLY A 129 -15.69 -4.44 -3.63
C GLY A 129 -15.21 -4.67 -5.05
N ALA A 130 -13.97 -5.13 -5.17
CA ALA A 130 -13.44 -5.47 -6.49
C ALA A 130 -12.23 -6.37 -6.32
N ILE A 131 -11.95 -7.14 -7.37
CA ILE A 131 -10.75 -7.98 -7.41
C ILE A 131 -9.78 -7.42 -8.44
N GLY A 132 -8.49 -7.58 -8.17
CA GLY A 132 -7.49 -7.21 -9.15
C GLY A 132 -6.41 -8.27 -9.26
N VAL A 133 -6.02 -8.60 -10.48
CA VAL A 133 -5.08 -9.69 -10.75
C VAL A 133 -4.00 -9.22 -11.71
N SER A 134 -2.75 -9.53 -11.37
CA SER A 134 -1.60 -9.25 -12.23
C SER A 134 -0.58 -10.38 -12.13
N GLY A 135 0.16 -10.61 -13.23
CA GLY A 135 1.21 -11.65 -13.25
C GLY A 135 1.45 -12.42 -14.55
N SER A 136 0.59 -12.20 -15.53
CA SER A 136 0.70 -12.90 -16.79
C SER A 136 0.24 -11.95 -17.89
N SER A 137 -0.10 -12.50 -19.04
CA SER A 137 -0.75 -11.71 -20.08
C SER A 137 -2.01 -11.06 -19.54
N VAL A 138 -2.41 -9.94 -20.14
CA VAL A 138 -3.63 -9.32 -19.63
C VAL A 138 -4.85 -10.19 -19.88
N GLU A 139 -4.82 -11.07 -20.90
CA GLU A 139 -5.93 -12.00 -21.09
C GLU A 139 -6.05 -12.98 -19.94
N ASN A 140 -4.93 -13.58 -19.53
CA ASN A 140 -4.97 -14.49 -18.39
C ASN A 140 -5.36 -13.74 -17.13
N ASP A 141 -4.85 -12.51 -16.95
CA ASP A 141 -5.22 -11.74 -15.78
C ASP A 141 -6.72 -11.62 -15.66
N ASP A 142 -7.39 -11.30 -16.76
CA ASP A 142 -8.83 -11.10 -16.71
C ASP A 142 -9.56 -12.42 -16.49
N ALA A 143 -9.05 -13.52 -17.04
CA ALA A 143 -9.70 -14.82 -16.80
C ALA A 143 -9.63 -15.21 -15.32
N VAL A 144 -8.47 -14.97 -14.70
CA VAL A 144 -8.29 -15.27 -13.28
C VAL A 144 -9.16 -14.36 -12.42
N ALA A 145 -9.15 -13.06 -12.73
CA ALA A 145 -10.00 -12.14 -11.98
C ALA A 145 -11.46 -12.55 -12.06
N LEU A 146 -11.92 -12.98 -13.25
CA LEU A 146 -13.33 -13.29 -13.46
C LEU A 146 -13.71 -14.54 -12.68
N ALA A 147 -12.85 -15.53 -12.69
CA ALA A 147 -13.10 -16.71 -11.88
C ALA A 147 -13.26 -16.35 -10.41
N GLY A 148 -12.43 -15.43 -9.90
CA GLY A 148 -12.56 -15.06 -8.50
C GLY A 148 -13.84 -14.30 -8.19
N ALA A 149 -14.12 -13.24 -8.95
CA ALA A 149 -15.31 -12.43 -8.68
C ALA A 149 -16.58 -13.24 -8.89
N SER A 150 -16.58 -14.10 -9.91
CA SER A 150 -17.80 -14.85 -10.17
C SER A 150 -18.07 -15.88 -9.08
N ALA A 151 -17.06 -16.23 -8.29
CA ALA A 151 -17.30 -17.15 -7.19
C ALA A 151 -18.13 -16.54 -6.07
N ILE A 152 -18.26 -15.23 -6.01
CA ILE A 152 -18.91 -14.63 -4.86
C ILE A 152 -19.94 -13.58 -5.29
N GLY A 153 -20.28 -13.55 -6.57
CA GLY A 153 -21.26 -12.57 -7.00
C GLY A 153 -21.22 -12.35 -8.49
N ASP A 154 -21.94 -11.33 -8.91
CA ASP A 154 -21.96 -10.89 -10.29
C ASP A 154 -20.85 -9.88 -10.48
N THR A 155 -20.62 -9.49 -11.71
CA THR A 155 -19.39 -8.78 -12.04
C THR A 155 -19.61 -7.50 -12.83
N GLU A 156 -20.85 -7.07 -13.01
CA GLU A 156 -21.19 -5.94 -13.86
C GLU A 156 -22.14 -5.03 -13.12
N MET B 21 14.44 -19.32 1.01
CA MET B 21 14.65 -18.51 2.21
C MET B 21 13.76 -17.25 2.22
N HIS B 22 12.70 -17.30 1.40
CA HIS B 22 11.59 -16.37 1.46
C HIS B 22 10.35 -17.11 1.97
N VAL B 23 9.56 -16.44 2.83
CA VAL B 23 8.31 -17.03 3.29
C VAL B 23 7.46 -17.43 2.10
N THR B 24 6.96 -18.65 2.10
CA THR B 24 6.07 -19.09 1.02
C THR B 24 4.64 -18.67 1.32
N ILE B 25 3.81 -18.72 0.29
CA ILE B 25 2.44 -18.27 0.49
C ILE B 25 1.70 -19.24 1.40
N GLU B 26 2.09 -20.53 1.40
CA GLU B 26 1.47 -21.46 2.34
C GLU B 26 1.84 -21.11 3.77
N GLN B 27 3.09 -20.72 4.02
CA GLN B 27 3.50 -20.29 5.35
C GLN B 27 2.83 -18.99 5.75
N ALA B 28 2.78 -18.04 4.81
CA ALA B 28 2.11 -16.77 5.10
C ALA B 28 0.66 -17.00 5.50
N GLU B 29 -0.04 -17.89 4.78
CA GLU B 29 -1.45 -18.10 5.12
C GLU B 29 -1.61 -18.89 6.42
N LYS B 30 -0.70 -19.83 6.71
CA LYS B 30 -0.68 -20.47 8.02
C LYS B 30 -0.50 -19.43 9.13
N ALA B 31 0.48 -18.54 8.97
CA ALA B 31 0.70 -17.51 9.97
C ALA B 31 -0.51 -16.61 10.12
N ILE B 32 -1.19 -16.30 9.02
CA ILE B 32 -2.38 -15.48 9.11
C ILE B 32 -3.49 -16.20 9.87
N GLN B 33 -3.72 -17.50 9.57
CA GLN B 33 -4.81 -18.18 10.27
C GLN B 33 -4.51 -18.35 11.76
N ALA B 34 -3.23 -18.53 12.15
CA ALA B 34 -2.90 -18.59 13.58
C ALA B 34 -3.09 -17.25 14.27
N ALA B 35 -2.61 -16.17 13.66
CA ALA B 35 -2.85 -14.84 14.19
C ALA B 35 -4.33 -14.56 14.32
N ARG B 36 -5.11 -14.88 13.29
CA ARG B 36 -6.55 -14.65 13.35
C ARG B 36 -7.19 -15.42 14.53
N ALA B 37 -6.83 -16.68 14.70
CA ALA B 37 -7.41 -17.45 15.81
C ALA B 37 -7.08 -16.83 17.16
N LYS B 38 -5.84 -16.34 17.35
CA LYS B 38 -5.49 -15.63 18.58
C LYS B 38 -6.30 -14.34 18.73
N ALA B 39 -6.45 -13.60 17.64
CA ALA B 39 -7.25 -12.38 17.65
C ALA B 39 -8.65 -12.65 18.18
N VAL B 40 -9.31 -13.70 17.68
CA VAL B 40 -10.68 -13.99 18.11
C VAL B 40 -10.69 -14.37 19.58
N GLU B 41 -9.69 -15.14 20.01
CA GLU B 41 -9.65 -15.55 21.40
C GLU B 41 -9.56 -14.34 22.34
N LEU B 42 -8.93 -13.26 21.88
CA LEU B 42 -8.76 -12.06 22.68
C LEU B 42 -9.91 -11.05 22.49
N GLY B 43 -10.87 -11.36 21.62
CA GLY B 43 -11.96 -10.45 21.30
C GLY B 43 -11.55 -9.23 20.50
N THR B 44 -10.71 -9.41 19.49
CA THR B 44 -10.17 -8.29 18.74
C THR B 44 -10.45 -8.52 17.27
N GLN B 45 -10.36 -7.42 16.49
CA GLN B 45 -10.53 -7.47 15.04
C GLN B 45 -9.30 -6.81 14.42
N MET B 46 -8.43 -7.61 13.80
CA MET B 46 -7.08 -7.17 13.42
C MET B 46 -6.91 -7.13 11.92
N CYS B 47 -5.98 -6.27 11.47
CA CYS B 47 -5.37 -6.40 10.16
C CYS B 47 -4.05 -7.14 10.32
N ILE B 48 -3.81 -8.13 9.46
CA ILE B 48 -2.61 -8.98 9.56
C ILE B 48 -1.90 -8.97 8.22
N ALA B 49 -0.63 -8.52 8.21
CA ALA B 49 0.17 -8.48 6.99
C ALA B 49 1.37 -9.40 7.09
N ILE B 50 1.72 -10.03 5.97
CA ILE B 50 2.96 -10.78 5.81
C ILE B 50 3.75 -10.12 4.67
N VAL B 51 5.01 -9.79 4.93
CA VAL B 51 5.92 -9.30 3.87
C VAL B 51 7.08 -10.27 3.72
N ASP B 52 7.78 -10.17 2.58
CA ASP B 52 8.97 -10.97 2.34
C ASP B 52 10.24 -10.25 2.82
N SER B 53 11.39 -10.89 2.57
CA SER B 53 12.62 -10.38 3.13
C SER B 53 13.07 -9.08 2.48
N GLY B 54 12.46 -8.70 1.37
CA GLY B 54 12.63 -7.38 0.79
C GLY B 54 11.63 -6.35 1.23
N GLY B 55 10.70 -6.71 2.10
CA GLY B 55 9.67 -5.76 2.44
C GLY B 55 8.49 -5.75 1.50
N ASN B 56 8.45 -6.66 0.51
CA ASN B 56 7.35 -6.64 -0.46
C ASN B 56 6.17 -7.48 0.06
N LEU B 57 4.96 -6.98 -0.15
CA LEU B 57 3.77 -7.63 0.41
C LEU B 57 3.64 -9.04 -0.13
N LYS B 58 3.40 -9.99 0.78
CA LYS B 58 3.16 -11.39 0.42
C LYS B 58 1.72 -11.82 0.63
N ALA B 59 1.11 -11.46 1.76
CA ALA B 59 -0.30 -11.78 2.01
C ALA B 59 -0.86 -10.74 2.97
N PHE B 60 -2.19 -10.55 2.91
CA PHE B 60 -2.87 -9.61 3.81
C PHE B 60 -4.29 -10.10 4.11
N HIS B 61 -4.76 -9.85 5.33
CA HIS B 61 -6.08 -10.29 5.79
C HIS B 61 -6.60 -9.22 6.72
N ARG B 62 -7.68 -8.52 6.33
CA ARG B 62 -8.35 -7.60 7.24
C ARG B 62 -9.58 -8.30 7.80
N MET B 63 -9.56 -8.62 9.10
CA MET B 63 -10.73 -9.17 9.77
C MET B 63 -11.93 -8.23 9.67
N ASP B 64 -13.11 -8.83 9.57
CA ASP B 64 -14.33 -8.06 9.57
C ASP B 64 -14.40 -7.20 10.82
N GLY B 65 -14.69 -5.90 10.62
CA GLY B 65 -14.76 -4.93 11.69
C GLY B 65 -13.45 -4.28 12.10
N ALA B 66 -12.33 -4.65 11.50
CA ALA B 66 -11.08 -4.04 11.93
C ALA B 66 -11.03 -2.57 11.55
N TRP B 67 -10.28 -1.79 12.33
CA TRP B 67 -10.09 -0.38 12.03
C TRP B 67 -9.51 -0.18 10.64
N VAL B 68 -10.11 0.73 9.87
CA VAL B 68 -9.57 1.00 8.54
C VAL B 68 -8.14 1.50 8.65
N GLY B 69 -7.85 2.29 9.69
CA GLY B 69 -6.50 2.82 9.86
C GLY B 69 -5.47 1.73 10.11
N SER B 70 -5.89 0.54 10.53
CA SER B 70 -4.92 -0.51 10.81
C SER B 70 -4.41 -1.20 9.53
N ILE B 71 -5.05 -0.97 8.39
CA ILE B 71 -4.59 -1.59 7.14
C ILE B 71 -3.16 -1.17 6.83
N ASP B 72 -2.92 0.15 6.77
CA ASP B 72 -1.59 0.69 6.53
C ASP B 72 -0.65 0.39 7.69
N ILE B 73 -1.13 0.51 8.92
CA ILE B 73 -0.24 0.29 10.06
C ILE B 73 0.26 -1.15 10.09
N ALA B 74 -0.63 -2.12 9.82
CA ALA B 74 -0.18 -3.52 9.84
C ALA B 74 0.90 -3.75 8.80
N GLN B 75 0.73 -3.17 7.60
CA GLN B 75 1.75 -3.34 6.57
C GLN B 75 3.05 -2.61 6.92
N LYS B 76 2.97 -1.39 7.44
CA LYS B 76 4.20 -0.70 7.84
C LYS B 76 4.93 -1.44 8.96
N LYS B 77 4.17 -2.03 9.89
CA LYS B 77 4.82 -2.80 10.96
C LYS B 77 5.58 -3.99 10.39
N ALA B 78 4.98 -4.71 9.44
CA ALA B 78 5.69 -5.87 8.88
C ALA B 78 6.96 -5.43 8.16
N LYS B 79 6.85 -4.38 7.36
CA LYS B 79 7.99 -3.81 6.66
C LYS B 79 9.07 -3.36 7.65
N THR B 80 8.67 -2.67 8.73
CA THR B 80 9.64 -2.18 9.68
C THR B 80 10.40 -3.33 10.33
N ALA B 81 9.65 -4.35 10.76
CA ALA B 81 10.29 -5.51 11.40
C ALA B 81 11.29 -6.18 10.47
N VAL B 82 10.92 -6.38 9.20
CA VAL B 82 11.85 -7.05 8.30
C VAL B 82 12.98 -6.13 7.87
N PHE B 83 12.76 -4.81 7.86
CA PHE B 83 13.83 -3.90 7.42
C PHE B 83 15.00 -3.86 8.41
N PHE B 84 14.78 -4.22 9.67
CA PHE B 84 15.84 -4.13 10.67
C PHE B 84 16.05 -5.42 11.48
N GLY B 85 15.31 -6.47 11.17
CA GLY B 85 15.44 -7.75 11.86
C GLY B 85 15.13 -7.67 13.34
N MET B 86 14.15 -6.86 13.74
CA MET B 86 13.81 -6.86 15.14
C MET B 86 12.33 -6.53 15.31
N LYS B 87 11.81 -6.80 16.49
CA LYS B 87 10.41 -6.45 16.74
C LYS B 87 10.25 -4.94 16.76
N THR B 88 9.09 -4.47 16.29
CA THR B 88 8.93 -3.02 16.06
C THR B 88 9.11 -2.23 17.36
N GLY B 89 8.61 -2.75 18.48
CA GLY B 89 8.70 -2.02 19.74
C GLY B 89 10.11 -1.86 20.26
N GLN B 90 10.99 -2.77 19.89
CA GLN B 90 12.39 -2.63 20.26
C GLN B 90 13.05 -1.44 19.57
N ILE B 91 12.63 -1.10 18.35
CA ILE B 91 13.12 0.12 17.70
C ILE B 91 12.55 1.35 18.39
N GLY B 92 11.26 1.31 18.72
CA GLY B 92 10.66 2.45 19.40
C GLY B 92 11.31 2.72 20.74
N ALA B 93 11.83 1.67 21.39
CA ALA B 93 12.51 1.88 22.66
C ALA B 93 13.77 2.72 22.47
N LEU B 94 14.26 2.82 21.24
CA LEU B 94 15.47 3.57 20.95
C LEU B 94 15.19 4.87 20.20
N SER B 95 13.95 5.15 19.81
CA SER B 95 13.66 6.32 18.99
C SER B 95 12.86 7.37 19.75
N GLN B 96 12.82 7.28 21.08
CA GLN B 96 12.25 8.34 21.88
C GLN B 96 13.13 9.58 21.81
N PRO B 97 12.60 10.75 22.16
CA PRO B 97 13.48 11.92 22.32
C PRO B 97 14.64 11.55 23.23
N GLY B 98 15.84 11.98 22.85
CA GLY B 98 17.04 11.58 23.56
C GLY B 98 17.59 10.21 23.21
N GLY B 99 16.83 9.38 22.48
CA GLY B 99 17.31 8.07 22.13
C GLY B 99 18.19 8.09 20.90
N SER B 100 18.90 6.99 20.70
CA SER B 100 19.93 6.99 19.66
C SER B 100 19.33 7.04 18.25
N LEU B 101 18.07 6.63 18.09
CA LEU B 101 17.44 6.55 16.78
C LEU B 101 16.30 7.55 16.62
N TYR B 102 16.29 8.63 17.41
CA TYR B 102 15.23 9.63 17.31
C TYR B 102 15.09 10.09 15.87
N GLY B 103 13.86 10.03 15.34
CA GLY B 103 13.56 10.46 14.00
C GLY B 103 13.61 9.36 12.94
N ILE B 104 13.84 8.11 13.33
CA ILE B 104 14.06 7.07 12.35
C ILE B 104 12.78 6.83 11.57
N GLU B 105 11.65 7.16 12.17
CA GLU B 105 10.36 6.89 11.54
C GLU B 105 10.16 7.64 10.23
N HIS B 106 10.97 8.68 9.95
CA HIS B 106 10.87 9.43 8.70
C HIS B 106 11.48 8.69 7.53
N SER B 107 12.29 7.67 7.80
CA SER B 107 12.92 6.89 6.73
C SER B 107 11.94 5.92 6.09
N ASN B 108 12.31 5.39 4.92
CA ASN B 108 11.67 4.20 4.36
C ASN B 108 10.16 4.39 4.16
N GLN B 109 9.78 5.60 3.77
CA GLN B 109 8.40 5.97 3.51
C GLN B 109 7.52 5.82 4.74
N GLY B 110 8.14 5.82 5.93
CA GLY B 110 7.41 5.75 7.18
C GLY B 110 7.47 4.41 7.87
N LEU B 111 8.05 4.37 9.07
CA LEU B 111 8.13 3.17 9.89
C LEU B 111 7.05 3.24 10.96
N ILE B 112 6.78 2.09 11.57
CA ILE B 112 6.02 2.03 12.82
C ILE B 112 6.88 1.33 13.84
N THR B 113 7.06 1.98 14.99
CA THR B 113 7.99 1.50 16.01
C THR B 113 7.29 1.22 17.34
N PHE B 114 5.95 1.04 17.34
CA PHE B 114 5.29 0.47 18.51
C PHE B 114 4.91 -0.98 18.23
N PRO B 115 4.65 -1.78 19.27
CA PRO B 115 4.59 -3.24 19.06
C PRO B 115 3.55 -3.69 18.05
N GLY B 116 3.85 -4.82 17.40
CA GLY B 116 2.94 -5.45 16.49
C GLY B 116 3.61 -6.03 15.24
N GLY B 117 4.85 -5.65 14.96
CA GLY B 117 5.62 -6.27 13.89
C GLY B 117 6.68 -7.18 14.48
N ILE B 118 6.76 -8.40 13.92
CA ILE B 118 7.71 -9.41 14.35
C ILE B 118 8.36 -10.06 13.13
N PRO B 119 9.67 -10.30 13.15
CA PRO B 119 10.30 -11.05 12.06
C PRO B 119 9.94 -12.53 12.08
N ILE B 120 9.94 -13.13 10.89
CA ILE B 120 9.72 -14.56 10.67
C ILE B 120 11.10 -15.12 10.37
N VAL B 121 11.57 -16.06 11.20
CA VAL B 121 12.93 -16.59 11.08
C VAL B 121 12.86 -18.07 10.72
N ASP B 122 13.60 -18.46 9.70
CA ASP B 122 13.54 -19.80 9.16
C ASP B 122 14.18 -20.81 10.11
N ALA B 123 14.33 -22.05 9.62
CA ALA B 123 14.98 -23.09 10.41
C ALA B 123 16.45 -22.77 10.67
N ASP B 124 17.18 -22.38 9.64
CA ASP B 124 18.60 -22.10 9.81
C ASP B 124 18.85 -20.71 10.39
N GLY B 125 17.84 -20.08 10.98
CA GLY B 125 18.05 -18.82 11.64
C GLY B 125 18.24 -17.64 10.72
N GLU B 126 17.70 -17.71 9.51
CA GLU B 126 17.72 -16.59 8.58
C GLU B 126 16.31 -16.02 8.45
N MET B 127 16.22 -14.70 8.45
CA MET B 127 14.95 -14.01 8.37
C MET B 127 14.37 -14.13 6.97
N SER B 128 13.16 -14.65 6.87
CA SER B 128 12.54 -14.88 5.59
C SER B 128 11.39 -13.94 5.30
N GLY B 129 11.05 -13.07 6.25
CA GLY B 129 9.90 -12.19 6.11
C GLY B 129 9.55 -11.63 7.47
N ALA B 130 8.36 -11.03 7.55
CA ALA B 130 7.87 -10.53 8.84
C ALA B 130 6.35 -10.47 8.84
N ILE B 131 5.77 -10.48 10.04
CA ILE B 131 4.35 -10.31 10.25
C ILE B 131 4.10 -8.96 10.91
N GLY B 132 2.99 -8.33 10.55
CA GLY B 132 2.56 -7.09 11.18
C GLY B 132 1.07 -7.13 11.51
N VAL B 133 0.73 -6.66 12.70
CA VAL B 133 -0.63 -6.76 13.23
C VAL B 133 -1.02 -5.44 13.84
N SER B 134 -2.22 -4.94 13.49
CA SER B 134 -2.74 -3.70 14.04
C SER B 134 -4.24 -3.83 14.21
N GLY B 135 -4.80 -3.18 15.24
CA GLY B 135 -6.26 -3.21 15.41
C GLY B 135 -6.77 -3.24 16.84
N SER B 136 -5.88 -3.33 17.81
CA SER B 136 -6.28 -3.33 19.23
C SER B 136 -5.21 -2.58 20.02
N SER B 137 -5.12 -2.85 21.31
CA SER B 137 -3.98 -2.36 22.07
C SER B 137 -2.68 -2.90 21.49
N VAL B 138 -1.56 -2.19 21.71
CA VAL B 138 -0.31 -2.69 21.12
C VAL B 138 0.09 -4.02 21.73
N GLU B 139 -0.29 -4.29 22.99
CA GLU B 139 0.10 -5.55 23.60
C GLU B 139 -0.68 -6.70 22.98
N ASN B 140 -1.96 -6.48 22.69
CA ASN B 140 -2.72 -7.47 21.95
C ASN B 140 -2.17 -7.62 20.54
N ASP B 141 -1.75 -6.52 19.93
CA ASP B 141 -1.13 -6.61 18.60
C ASP B 141 0.09 -7.53 18.63
N ASP B 142 0.96 -7.35 19.63
CA ASP B 142 2.16 -8.17 19.73
C ASP B 142 1.81 -9.63 20.00
N ALA B 143 0.81 -9.87 20.85
CA ALA B 143 0.42 -11.25 21.18
C ALA B 143 -0.10 -11.99 19.94
N VAL B 144 -0.85 -11.28 19.11
CA VAL B 144 -1.41 -11.91 17.91
C VAL B 144 -0.32 -12.12 16.88
N ALA B 145 0.59 -11.16 16.75
CA ALA B 145 1.72 -11.31 15.83
C ALA B 145 2.60 -12.50 16.21
N LEU B 146 2.87 -12.64 17.51
CA LEU B 146 3.68 -13.74 18.00
C LEU B 146 3.01 -15.08 17.72
N ALA B 147 1.69 -15.15 17.87
CA ALA B 147 1.00 -16.40 17.58
C ALA B 147 1.15 -16.76 16.12
N GLY B 148 1.11 -15.73 15.26
CA GLY B 148 1.25 -15.97 13.84
C GLY B 148 2.66 -16.34 13.47
N ALA B 149 3.65 -15.63 14.01
CA ALA B 149 5.02 -15.95 13.66
C ALA B 149 5.43 -17.29 14.23
N SER B 150 5.00 -17.59 15.45
CA SER B 150 5.44 -18.82 16.08
C SER B 150 4.85 -20.03 15.40
N ALA B 151 3.76 -19.85 14.67
CA ALA B 151 3.17 -21.00 14.01
C ALA B 151 4.02 -21.51 12.85
N ILE B 152 4.90 -20.68 12.31
CA ILE B 152 5.66 -21.07 11.13
C ILE B 152 7.16 -20.98 11.32
N GLY B 153 7.64 -20.48 12.45
CA GLY B 153 9.07 -20.52 12.68
C GLY B 153 9.48 -19.87 13.98
N ASP B 154 10.72 -19.40 13.98
CA ASP B 154 11.23 -18.62 15.10
C ASP B 154 10.91 -17.16 14.89
N THR B 155 11.14 -16.37 15.94
CA THR B 155 10.69 -14.99 15.97
C THR B 155 11.82 -14.01 16.26
N GLU B 156 13.06 -14.49 16.44
CA GLU B 156 14.16 -13.64 16.87
C GLU B 156 15.44 -14.02 16.15
N LEU B 157 16.26 -13.00 15.83
CA LEU B 157 17.60 -13.25 15.25
C LEU B 157 18.67 -13.35 16.34
N MET C 21 -24.23 1.39 7.47
CA MET C 21 -24.68 2.68 6.96
C MET C 21 -23.50 3.59 6.63
N HIS C 22 -23.70 4.42 5.60
CA HIS C 22 -22.80 5.49 5.22
C HIS C 22 -23.48 6.84 5.46
N VAL C 23 -22.67 7.85 5.78
CA VAL C 23 -23.21 9.19 5.93
C VAL C 23 -23.74 9.64 4.57
N THR C 24 -25.01 10.05 4.52
CA THR C 24 -25.55 10.57 3.28
C THR C 24 -25.14 12.03 3.10
N ILE C 25 -25.26 12.52 1.87
CA ILE C 25 -24.83 13.91 1.60
C ILE C 25 -25.76 14.89 2.32
N GLU C 26 -27.03 14.54 2.47
CA GLU C 26 -27.96 15.33 3.25
C GLU C 26 -27.52 15.40 4.72
N GLN C 27 -27.19 14.25 5.32
CA GLN C 27 -26.67 14.28 6.68
C GLN C 27 -25.41 15.11 6.78
N ALA C 28 -24.48 14.92 5.83
CA ALA C 28 -23.20 15.62 5.87
C ALA C 28 -23.41 17.12 5.82
N GLU C 29 -24.36 17.58 5.01
CA GLU C 29 -24.60 19.02 4.90
C GLU C 29 -25.32 19.56 6.13
N LYS C 30 -26.21 18.76 6.73
CA LYS C 30 -26.80 19.20 7.98
C LYS C 30 -25.73 19.36 9.05
N ALA C 31 -24.83 18.38 9.17
CA ALA C 31 -23.75 18.49 10.14
C ALA C 31 -22.85 19.71 9.87
N ILE C 32 -22.56 19.97 8.61
CA ILE C 32 -21.75 21.14 8.28
C ILE C 32 -22.44 22.42 8.73
N GLN C 33 -23.76 22.54 8.48
CA GLN C 33 -24.48 23.73 8.88
C GLN C 33 -24.52 23.90 10.39
N ALA C 34 -24.75 22.81 11.15
CA ALA C 34 -24.69 22.87 12.60
C ALA C 34 -23.31 23.26 13.09
N ALA C 35 -22.26 22.70 12.48
CA ALA C 35 -20.91 23.10 12.85
C ALA C 35 -20.67 24.58 12.55
N ARG C 36 -21.06 25.05 11.35
CA ARG C 36 -20.87 26.46 10.99
C ARG C 36 -21.60 27.39 11.95
N ALA C 37 -22.80 27.01 12.36
CA ALA C 37 -23.54 27.83 13.30
C ALA C 37 -22.79 27.95 14.62
N LYS C 38 -22.25 26.82 15.13
CA LYS C 38 -21.46 26.89 16.37
C LYS C 38 -20.20 27.72 16.19
N ALA C 39 -19.52 27.57 15.05
CA ALA C 39 -18.35 28.39 14.76
C ALA C 39 -18.68 29.87 14.84
N VAL C 40 -19.77 30.27 14.20
CA VAL C 40 -20.12 31.70 14.18
C VAL C 40 -20.40 32.20 15.58
N GLU C 41 -21.04 31.37 16.39
CA GLU C 41 -21.35 31.74 17.78
C GLU C 41 -20.09 31.91 18.60
N LEU C 42 -19.06 31.11 18.33
CA LEU C 42 -17.81 31.24 19.06
C LEU C 42 -16.91 32.35 18.53
N GLY C 43 -17.25 32.92 17.39
CA GLY C 43 -16.42 33.94 16.77
C GLY C 43 -15.26 33.37 15.98
N THR C 44 -15.44 32.23 15.33
CA THR C 44 -14.35 31.55 14.65
C THR C 44 -14.68 31.41 13.16
N GLN C 45 -13.63 31.14 12.37
CA GLN C 45 -13.74 30.87 10.93
C GLN C 45 -13.05 29.52 10.71
N MET C 46 -13.83 28.52 10.37
CA MET C 46 -13.38 27.12 10.39
C MET C 46 -13.43 26.50 9.01
N CYS C 47 -12.59 25.49 8.81
CA CYS C 47 -12.78 24.48 7.76
C CYS C 47 -13.47 23.27 8.36
N ILE C 48 -14.45 22.73 7.64
CA ILE C 48 -15.28 21.62 8.14
C ILE C 48 -15.30 20.55 7.06
N ALA C 49 -14.91 19.34 7.43
CA ALA C 49 -14.85 18.22 6.50
C ALA C 49 -15.70 17.07 7.02
N ILE C 50 -16.37 16.38 6.11
CA ILE C 50 -17.09 15.13 6.40
C ILE C 50 -16.50 14.03 5.51
N VAL C 51 -16.12 12.90 6.12
CA VAL C 51 -15.70 11.73 5.35
C VAL C 51 -16.63 10.57 5.65
N ASP C 52 -16.64 9.60 4.73
CA ASP C 52 -17.43 8.38 4.92
C ASP C 52 -16.62 7.33 5.68
N SER C 53 -17.19 6.13 5.82
CA SER C 53 -16.55 5.16 6.70
C SER C 53 -15.27 4.59 6.11
N GLY C 54 -14.97 4.89 4.83
CA GLY C 54 -13.73 4.54 4.15
C GLY C 54 -12.63 5.57 4.24
N GLY C 55 -12.93 6.72 4.85
CA GLY C 55 -12.01 7.82 4.81
C GLY C 55 -12.11 8.69 3.59
N ASN C 56 -13.05 8.40 2.68
CA ASN C 56 -13.17 9.16 1.45
C ASN C 56 -14.03 10.41 1.66
N LEU C 57 -13.57 11.54 1.12
CA LEU C 57 -14.28 12.80 1.32
C LEU C 57 -15.72 12.74 0.81
N LYS C 58 -16.64 13.21 1.63
CA LYS C 58 -18.07 13.32 1.31
C LYS C 58 -18.54 14.77 1.16
N ALA C 59 -18.02 15.69 1.98
CA ALA C 59 -18.40 17.08 1.85
C ALA C 59 -17.33 17.92 2.51
N PHE C 60 -17.24 19.19 2.09
CA PHE C 60 -16.27 20.13 2.63
C PHE C 60 -16.80 21.55 2.53
N HIS C 61 -16.50 22.36 3.56
CA HIS C 61 -16.94 23.76 3.64
C HIS C 61 -15.83 24.55 4.32
N ARG C 62 -15.15 25.44 3.55
CA ARG C 62 -14.20 26.41 4.13
C ARG C 62 -14.92 27.75 4.36
N MET C 63 -15.14 28.12 5.62
CA MET C 63 -15.74 29.42 5.93
C MET C 63 -14.85 30.55 5.42
N ASP C 64 -15.48 31.65 4.98
CA ASP C 64 -14.68 32.80 4.57
C ASP C 64 -13.73 33.24 5.69
N GLY C 65 -12.48 33.52 5.33
CA GLY C 65 -11.50 33.95 6.33
C GLY C 65 -10.79 32.86 7.10
N ALA C 66 -11.18 31.59 6.95
CA ALA C 66 -10.49 30.53 7.68
C ALA C 66 -9.07 30.35 7.17
N TRP C 67 -8.15 29.98 8.09
CA TRP C 67 -6.77 29.67 7.70
C TRP C 67 -6.68 28.68 6.55
N VAL C 68 -5.82 28.98 5.59
CA VAL C 68 -5.62 28.08 4.46
C VAL C 68 -5.05 26.74 4.93
N GLY C 69 -4.16 26.77 5.92
CA GLY C 69 -3.57 25.53 6.42
C GLY C 69 -4.56 24.61 7.08
N SER C 70 -5.73 25.15 7.46
CA SER C 70 -6.78 24.35 8.09
C SER C 70 -7.53 23.47 7.09
N ILE C 71 -7.40 23.74 5.79
CA ILE C 71 -8.09 22.92 4.78
C ILE C 71 -7.64 21.47 4.89
N ASP C 72 -6.32 21.26 4.88
CA ASP C 72 -5.79 19.92 4.98
C ASP C 72 -6.01 19.33 6.37
N ILE C 73 -5.89 20.14 7.42
CA ILE C 73 -6.01 19.59 8.76
C ILE C 73 -7.43 19.12 9.04
N ALA C 74 -8.44 19.90 8.63
CA ALA C 74 -9.82 19.43 8.82
C ALA C 74 -10.04 18.08 8.15
N GLN C 75 -9.56 17.89 6.92
CA GLN C 75 -9.75 16.61 6.25
C GLN C 75 -8.96 15.49 6.92
N LYS C 76 -7.70 15.77 7.32
CA LYS C 76 -6.94 14.75 8.03
C LYS C 76 -7.58 14.41 9.37
N LYS C 77 -8.19 15.38 10.06
CA LYS C 77 -8.83 15.05 11.34
C LYS C 77 -10.01 14.11 11.12
N ALA C 78 -10.85 14.40 10.12
CA ALA C 78 -11.98 13.52 9.86
C ALA C 78 -11.50 12.13 9.52
N LYS C 79 -10.50 12.06 8.64
CA LYS C 79 -9.92 10.78 8.26
C LYS C 79 -9.41 10.03 9.48
N THR C 80 -8.63 10.71 10.33
CA THR C 80 -8.08 10.07 11.55
C THR C 80 -9.20 9.52 12.43
N ALA C 81 -10.23 10.32 12.66
CA ALA C 81 -11.32 9.87 13.53
C ALA C 81 -12.00 8.62 12.99
N VAL C 82 -12.30 8.60 11.68
CA VAL C 82 -13.00 7.43 11.15
C VAL C 82 -12.06 6.24 11.03
N PHE C 83 -10.76 6.47 10.80
CA PHE C 83 -9.78 5.39 10.65
C PHE C 83 -9.63 4.57 11.93
N PHE C 84 -9.95 5.16 13.08
CA PHE C 84 -9.76 4.46 14.36
C PHE C 84 -10.99 4.47 15.27
N GLY C 85 -12.09 5.11 14.89
CA GLY C 85 -13.29 5.07 15.72
C GLY C 85 -13.18 5.83 17.04
N MET C 86 -12.47 6.95 17.05
CA MET C 86 -12.09 7.66 18.26
C MET C 86 -11.94 9.13 17.94
N LYS C 87 -12.28 10.00 18.89
CA LYS C 87 -11.97 11.42 18.73
C LYS C 87 -10.45 11.61 18.60
N THR C 88 -10.03 12.59 17.79
CA THR C 88 -8.60 12.68 17.46
C THR C 88 -7.73 12.93 18.68
N GLY C 89 -8.19 13.79 19.59
CA GLY C 89 -7.36 14.12 20.74
C GLY C 89 -7.13 12.92 21.65
N GLN C 90 -8.05 11.94 21.60
CA GLN C 90 -7.86 10.70 22.36
C GLN C 90 -6.70 9.88 21.81
N ILE C 91 -6.42 9.97 20.51
CA ILE C 91 -5.25 9.30 19.98
C ILE C 91 -3.98 10.03 20.40
N GLY C 92 -4.03 11.38 20.40
CA GLY C 92 -2.86 12.16 20.75
C GLY C 92 -2.44 11.93 22.19
N ALA C 93 -3.40 11.62 23.06
CA ALA C 93 -3.10 11.28 24.45
C ALA C 93 -2.28 10.00 24.55
N LEU C 94 -2.29 9.17 23.52
CA LEU C 94 -1.55 7.93 23.52
C LEU C 94 -0.28 8.01 22.68
N SER C 95 -0.06 9.09 21.93
CA SER C 95 1.06 9.15 21.00
C SER C 95 2.12 10.16 21.41
N GLN C 96 2.08 10.64 22.65
CA GLN C 96 3.18 11.42 23.20
C GLN C 96 4.45 10.58 23.26
N PRO C 97 5.63 11.22 23.30
CA PRO C 97 6.86 10.48 23.66
C PRO C 97 6.61 9.63 24.89
N GLY C 98 7.08 8.39 24.84
CA GLY C 98 6.80 7.45 25.90
C GLY C 98 5.46 6.75 25.78
N GLY C 99 4.57 7.23 24.91
CA GLY C 99 3.24 6.68 24.83
C GLY C 99 3.16 5.45 23.93
N SER C 100 2.12 4.66 24.12
CA SER C 100 2.07 3.37 23.42
C SER C 100 1.96 3.54 21.91
N LEU C 101 1.46 4.67 21.42
CA LEU C 101 1.32 4.90 19.98
C LEU C 101 2.24 5.99 19.46
N TYR C 102 3.34 6.27 20.13
CA TYR C 102 4.30 7.29 19.65
C TYR C 102 4.65 7.01 18.19
N GLY C 103 4.48 8.03 17.34
CA GLY C 103 4.83 7.94 15.93
C GLY C 103 3.72 7.49 15.00
N ILE C 104 2.52 7.22 15.52
CA ILE C 104 1.38 6.77 14.69
C ILE C 104 1.04 7.76 13.58
N GLU C 105 1.38 9.05 13.76
CA GLU C 105 1.03 10.08 12.81
C GLU C 105 1.75 9.91 11.48
N HIS C 106 2.83 9.13 11.43
CA HIS C 106 3.48 8.82 10.15
C HIS C 106 2.64 7.90 9.27
N SER C 107 1.70 7.15 9.83
CA SER C 107 0.90 6.22 9.05
C SER C 107 -0.17 6.96 8.25
N ASN C 108 -0.74 6.26 7.26
CA ASN C 108 -1.98 6.68 6.61
C ASN C 108 -1.88 8.05 5.94
N GLN C 109 -0.70 8.35 5.39
CA GLN C 109 -0.39 9.58 4.69
C GLN C 109 -0.48 10.81 5.58
N GLY C 110 -0.49 10.60 6.90
CA GLY C 110 -0.42 11.69 7.86
C GLY C 110 -1.70 11.81 8.67
N LEU C 111 -1.64 11.56 9.98
CA LEU C 111 -2.79 11.72 10.86
C LEU C 111 -2.71 13.06 11.58
N ILE C 112 -3.81 13.46 12.17
CA ILE C 112 -3.81 14.59 13.10
C ILE C 112 -4.43 14.09 14.39
N THR C 113 -3.72 14.28 15.51
CA THR C 113 -4.12 13.63 16.76
C THR C 113 -4.40 14.64 17.86
N PHE C 114 -4.60 15.90 17.51
CA PHE C 114 -5.14 16.85 18.47
C PHE C 114 -6.62 17.13 18.15
N PRO C 115 -7.37 17.74 19.09
CA PRO C 115 -8.83 17.74 18.99
C PRO C 115 -9.36 18.41 17.72
N GLY C 116 -10.52 17.91 17.28
CA GLY C 116 -11.24 18.49 16.17
C GLY C 116 -11.90 17.48 15.23
N GLY C 117 -11.52 16.21 15.34
CA GLY C 117 -12.15 15.13 14.61
C GLY C 117 -13.02 14.27 15.54
N ILE C 118 -14.21 13.97 15.08
CA ILE C 118 -15.19 13.20 15.87
C ILE C 118 -15.91 12.18 15.00
N PRO C 119 -15.97 10.90 15.39
CA PRO C 119 -16.74 9.94 14.60
C PRO C 119 -18.23 10.26 14.60
N ILE C 120 -18.89 9.87 13.51
CA ILE C 120 -20.33 9.99 13.37
C ILE C 120 -20.90 8.59 13.52
N VAL C 121 -21.84 8.41 14.44
CA VAL C 121 -22.32 7.06 14.75
C VAL C 121 -23.83 7.00 14.55
N ASP C 122 -24.28 6.03 13.76
CA ASP C 122 -25.68 5.95 13.39
C ASP C 122 -26.49 5.30 14.51
N ALA C 123 -27.79 5.06 14.24
CA ALA C 123 -28.73 4.65 15.29
C ALA C 123 -28.35 3.29 15.88
N ASP C 124 -28.01 2.32 15.04
CA ASP C 124 -27.66 1.00 15.58
C ASP C 124 -26.19 0.90 15.97
N GLY C 125 -25.56 2.04 16.26
CA GLY C 125 -24.26 2.05 16.88
C GLY C 125 -23.10 1.88 15.94
N GLU C 126 -23.33 1.90 14.63
CA GLU C 126 -22.24 1.75 13.69
C GLU C 126 -21.71 3.12 13.30
N MET C 127 -20.41 3.18 13.13
CA MET C 127 -19.75 4.40 12.65
C MET C 127 -19.96 4.50 11.15
N SER C 128 -20.61 5.59 10.71
CA SER C 128 -20.92 5.82 9.31
C SER C 128 -20.02 6.87 8.64
N GLY C 129 -19.13 7.51 9.40
CA GLY C 129 -18.26 8.53 8.83
C GLY C 129 -17.66 9.36 9.95
N ALA C 130 -17.18 10.56 9.60
CA ALA C 130 -16.67 11.38 10.69
C ALA C 130 -16.61 12.82 10.21
N ILE C 131 -16.54 13.72 11.19
CA ILE C 131 -16.39 15.16 10.96
C ILE C 131 -15.00 15.59 11.45
N GLY C 132 -14.42 16.55 10.75
CA GLY C 132 -13.16 17.14 11.19
C GLY C 132 -13.19 18.66 11.04
N VAL C 133 -12.73 19.37 12.07
CA VAL C 133 -12.82 20.83 12.14
C VAL C 133 -11.46 21.43 12.50
N SER C 134 -11.09 22.53 11.83
CA SER C 134 -9.82 23.23 12.07
C SER C 134 -10.01 24.70 11.76
N GLY C 135 -9.35 25.58 12.55
CA GLY C 135 -9.37 27.00 12.28
C GLY C 135 -9.33 27.90 13.49
N SER C 136 -9.31 27.32 14.68
CA SER C 136 -9.28 28.10 15.92
C SER C 136 -8.43 27.32 16.93
N SER C 137 -8.62 27.60 18.22
CA SER C 137 -8.06 26.76 19.26
C SER C 137 -8.57 25.33 19.12
N VAL C 138 -7.80 24.36 19.63
CA VAL C 138 -8.28 22.99 19.51
C VAL C 138 -9.55 22.77 20.32
N GLU C 139 -9.74 23.56 21.39
CA GLU C 139 -10.96 23.44 22.17
C GLU C 139 -12.16 23.95 21.39
N ASN C 140 -12.01 25.05 20.66
CA ASN C 140 -13.08 25.52 19.81
C ASN C 140 -13.34 24.55 18.67
N ASP C 141 -12.28 23.99 18.07
CA ASP C 141 -12.45 22.98 17.03
C ASP C 141 -13.29 21.80 17.53
N ASP C 142 -12.98 21.32 18.72
CA ASP C 142 -13.70 20.19 19.30
C ASP C 142 -15.18 20.54 19.51
N ALA C 143 -15.45 21.76 19.98
CA ALA C 143 -16.82 22.16 20.25
C ALA C 143 -17.63 22.30 18.96
N VAL C 144 -17.00 22.80 17.91
CA VAL C 144 -17.68 22.91 16.62
C VAL C 144 -17.91 21.53 16.01
N ALA C 145 -16.89 20.65 16.05
CA ALA C 145 -17.08 19.28 15.55
C ALA C 145 -18.20 18.57 16.29
N LEU C 146 -18.24 18.74 17.61
CA LEU C 146 -19.27 18.06 18.39
C LEU C 146 -20.66 18.56 18.01
N ALA C 147 -20.82 19.87 17.82
CA ALA C 147 -22.13 20.38 17.42
C ALA C 147 -22.54 19.81 16.07
N GLY C 148 -21.58 19.66 15.15
CA GLY C 148 -21.88 19.12 13.84
C GLY C 148 -22.22 17.64 13.89
N ALA C 149 -21.45 16.86 14.65
CA ALA C 149 -21.72 15.42 14.72
C ALA C 149 -23.02 15.13 15.48
N SER C 150 -23.24 15.84 16.59
CA SER C 150 -24.43 15.63 17.41
C SER C 150 -25.71 15.92 16.66
N ALA C 151 -25.67 16.81 15.69
CA ALA C 151 -26.90 17.08 14.94
C ALA C 151 -27.33 15.91 14.05
N ILE C 152 -26.48 14.90 13.83
CA ILE C 152 -26.89 13.81 12.95
C ILE C 152 -26.71 12.42 13.58
N GLY C 153 -26.15 12.33 14.78
CA GLY C 153 -25.91 11.02 15.40
C GLY C 153 -25.22 11.09 16.76
N ASP C 154 -24.67 9.95 17.21
CA ASP C 154 -24.33 9.78 18.62
C ASP C 154 -22.94 10.23 19.05
N THR C 155 -21.94 10.14 18.18
CA THR C 155 -20.55 10.64 18.32
C THR C 155 -19.56 9.75 19.08
N GLU C 156 -19.96 8.59 19.60
CA GLU C 156 -19.04 7.77 20.38
C GLU C 156 -19.32 6.30 20.13
N LEU C 157 -18.24 5.49 20.16
CA LEU C 157 -18.28 4.03 20.10
C LEU C 157 -17.96 3.43 21.46
N PRO C 158 -18.72 2.45 21.90
CA PRO C 158 -18.45 1.85 23.21
C PRO C 158 -17.29 0.85 23.17
N ASP C 159 -16.71 0.63 24.36
CA ASP C 159 -15.77 -0.47 24.57
C ASP C 159 -14.51 -0.33 23.71
N HIS C 160 -14.02 0.89 23.56
CA HIS C 160 -12.86 1.09 22.69
C HIS C 160 -11.57 0.78 23.44
N PRO C 161 -10.70 -0.09 22.89
CA PRO C 161 -9.48 -0.50 23.62
C PRO C 161 -8.49 0.63 23.86
N TRP C 162 -8.65 1.77 23.22
CA TRP C 162 -7.72 2.86 23.40
C TRP C 162 -8.32 3.89 24.34
N HIS D 22 20.51 -14.15 -4.12
CA HIS D 22 20.51 -12.72 -4.39
C HIS D 22 21.88 -12.31 -4.91
N VAL D 23 21.94 -11.35 -5.83
CA VAL D 23 23.24 -10.94 -6.36
C VAL D 23 24.08 -10.43 -5.20
N THR D 24 25.34 -10.88 -5.15
CA THR D 24 26.24 -10.43 -4.11
C THR D 24 26.87 -9.08 -4.46
N ILE D 25 27.44 -8.42 -3.44
CA ILE D 25 28.09 -7.15 -3.76
C ILE D 25 29.32 -7.38 -4.62
N GLU D 26 30.01 -8.51 -4.47
CA GLU D 26 31.11 -8.86 -5.38
C GLU D 26 30.65 -8.89 -6.84
N GLN D 27 29.49 -9.51 -7.08
CA GLN D 27 28.89 -9.60 -8.43
C GLN D 27 28.41 -8.24 -8.92
N ALA D 28 27.69 -7.51 -8.06
CA ALA D 28 27.26 -6.17 -8.45
C ALA D 28 28.44 -5.31 -8.86
N GLU D 29 29.53 -5.35 -8.11
CA GLU D 29 30.63 -4.46 -8.44
C GLU D 29 31.33 -4.91 -9.72
N LYS D 30 31.42 -6.22 -9.95
CA LYS D 30 31.97 -6.74 -11.22
C LYS D 30 31.09 -6.36 -12.43
N ALA D 31 29.76 -6.40 -12.26
CA ALA D 31 28.90 -5.93 -13.34
C ALA D 31 29.08 -4.44 -13.59
N ILE D 32 29.20 -3.64 -12.52
CA ILE D 32 29.42 -2.21 -12.72
C ILE D 32 30.73 -1.95 -13.45
N GLN D 33 31.78 -2.69 -13.08
CA GLN D 33 33.06 -2.46 -13.76
C GLN D 33 33.02 -2.91 -15.22
N ALA D 34 32.29 -3.98 -15.54
CA ALA D 34 32.20 -4.38 -16.95
C ALA D 34 31.38 -3.37 -17.74
N ALA D 35 30.29 -2.90 -17.14
CA ALA D 35 29.48 -1.87 -17.78
C ALA D 35 30.27 -0.60 -18.00
N ARG D 36 30.97 -0.12 -16.95
CA ARG D 36 31.79 1.09 -17.08
C ARG D 36 32.80 0.97 -18.22
N ALA D 37 33.48 -0.17 -18.34
CA ALA D 37 34.47 -0.30 -19.40
C ALA D 37 33.82 -0.24 -20.79
N LYS D 38 32.63 -0.83 -20.93
CA LYS D 38 31.92 -0.75 -22.20
C LYS D 38 31.50 0.69 -22.46
N ALA D 39 31.08 1.39 -21.41
CA ALA D 39 30.61 2.76 -21.58
C ALA D 39 31.75 3.66 -22.06
N VAL D 40 32.95 3.44 -21.53
CA VAL D 40 34.12 4.20 -21.98
C VAL D 40 34.47 3.83 -23.43
N GLU D 41 34.42 2.53 -23.76
CA GLU D 41 34.64 2.09 -25.14
C GLU D 41 33.73 2.83 -26.11
N LEU D 42 32.47 3.04 -25.73
CA LEU D 42 31.53 3.78 -26.55
C LEU D 42 31.58 5.30 -26.38
N GLY D 43 32.45 5.84 -25.54
CA GLY D 43 32.52 7.30 -25.38
C GLY D 43 31.32 7.91 -24.65
N THR D 44 30.76 7.19 -23.68
CA THR D 44 29.58 7.64 -22.98
C THR D 44 29.89 7.81 -21.50
N GLN D 45 29.03 8.58 -20.82
CA GLN D 45 29.11 8.76 -19.37
C GLN D 45 27.79 8.29 -18.77
N MET D 46 27.83 7.20 -18.00
CA MET D 46 26.60 6.54 -17.61
C MET D 46 26.44 6.50 -16.10
N CYS D 47 25.19 6.43 -15.68
CA CYS D 47 24.84 5.95 -14.35
C CYS D 47 24.49 4.48 -14.47
N ILE D 48 25.03 3.68 -13.55
CA ILE D 48 24.83 2.23 -13.51
C ILE D 48 24.28 1.85 -12.15
N ALA D 49 23.13 1.18 -12.12
CA ALA D 49 22.53 0.73 -10.88
C ALA D 49 22.36 -0.78 -10.88
N ILE D 50 22.50 -1.36 -9.68
CA ILE D 50 22.22 -2.78 -9.47
C ILE D 50 21.17 -2.90 -8.38
N VAL D 51 20.10 -3.68 -8.63
CA VAL D 51 19.13 -3.95 -7.57
C VAL D 51 19.04 -5.44 -7.32
N ASP D 52 18.49 -5.78 -6.15
CA ASP D 52 18.30 -7.18 -5.80
C ASP D 52 16.96 -7.69 -6.32
N SER D 53 16.65 -8.97 -6.01
CA SER D 53 15.43 -9.53 -6.59
C SER D 53 14.15 -8.91 -6.02
N GLY D 54 14.25 -8.13 -4.94
CA GLY D 54 13.12 -7.36 -4.46
C GLY D 54 13.04 -5.95 -5.00
N GLY D 55 13.96 -5.58 -5.89
CA GLY D 55 14.02 -4.20 -6.33
C GLY D 55 14.73 -3.24 -5.40
N ASN D 56 15.35 -3.73 -4.32
CA ASN D 56 16.08 -2.85 -3.42
C ASN D 56 17.52 -2.65 -3.91
N LEU D 57 17.98 -1.43 -3.76
CA LEU D 57 19.26 -1.02 -4.31
C LEU D 57 20.40 -1.79 -3.67
N LYS D 58 21.29 -2.32 -4.50
CA LYS D 58 22.46 -3.04 -4.02
C LYS D 58 23.75 -2.29 -4.31
N ALA D 59 23.85 -1.62 -5.46
CA ALA D 59 25.06 -0.85 -5.78
C ALA D 59 24.71 0.23 -6.79
N PHE D 60 25.52 1.29 -6.82
CA PHE D 60 25.26 2.35 -7.79
C PHE D 60 26.59 3.03 -8.10
N HIS D 61 26.75 3.46 -9.37
CA HIS D 61 28.00 4.10 -9.82
C HIS D 61 27.65 5.17 -10.85
N ARG D 62 27.87 6.47 -10.55
CA ARG D 62 27.66 7.54 -11.53
C ARG D 62 29.02 7.96 -12.09
N MET D 63 29.25 7.68 -13.38
CA MET D 63 30.49 8.11 -14.00
C MET D 63 30.60 9.62 -13.97
N ASP D 64 31.82 10.11 -13.89
CA ASP D 64 32.03 11.54 -13.99
C ASP D 64 31.44 12.03 -15.32
N GLY D 65 30.71 13.15 -15.23
CA GLY D 65 30.12 13.78 -16.38
C GLY D 65 28.80 13.23 -16.82
N ALA D 66 28.24 12.24 -16.12
CA ALA D 66 26.98 11.68 -16.54
C ALA D 66 25.84 12.64 -16.23
N TRP D 67 24.82 12.64 -17.10
CA TRP D 67 23.59 13.38 -16.85
C TRP D 67 23.02 13.18 -15.44
N VAL D 68 22.73 14.27 -14.74
CA VAL D 68 22.15 14.11 -13.41
C VAL D 68 20.82 13.37 -13.49
N GLY D 69 20.07 13.61 -14.57
CA GLY D 69 18.78 12.94 -14.70
C GLY D 69 18.89 11.44 -14.86
N SER D 70 20.03 10.95 -15.26
CA SER D 70 20.18 9.52 -15.41
C SER D 70 20.36 8.79 -14.10
N ILE D 71 20.54 9.50 -12.98
CA ILE D 71 20.62 8.84 -11.67
C ILE D 71 19.33 8.09 -11.38
N ASP D 72 18.22 8.80 -11.45
CA ASP D 72 16.93 8.19 -11.18
C ASP D 72 16.52 7.24 -12.28
N ILE D 73 16.83 7.56 -13.53
CA ILE D 73 16.40 6.68 -14.61
C ILE D 73 17.12 5.33 -14.54
N ALA D 74 18.43 5.32 -14.23
CA ALA D 74 19.14 4.04 -14.17
C ALA D 74 18.55 3.16 -13.08
N GLN D 75 18.18 3.76 -11.95
CA GLN D 75 17.61 2.96 -10.88
C GLN D 75 16.21 2.46 -11.24
N LYS D 76 15.37 3.32 -11.82
CA LYS D 76 14.05 2.87 -12.25
C LYS D 76 14.15 1.79 -13.32
N LYS D 77 15.13 1.88 -14.22
CA LYS D 77 15.32 0.80 -15.19
C LYS D 77 15.68 -0.52 -14.51
N ALA D 78 16.54 -0.48 -13.51
CA ALA D 78 16.94 -1.72 -12.83
C ALA D 78 15.74 -2.31 -12.10
N LYS D 79 15.00 -1.46 -11.37
CA LYS D 79 13.77 -1.89 -10.71
C LYS D 79 12.75 -2.45 -11.70
N THR D 80 12.58 -1.81 -12.86
CA THR D 80 11.57 -2.28 -13.82
C THR D 80 11.92 -3.66 -14.34
N ALA D 81 13.19 -3.86 -14.70
CA ALA D 81 13.61 -5.15 -15.23
C ALA D 81 13.43 -6.27 -14.22
N VAL D 82 13.75 -6.04 -12.94
CA VAL D 82 13.60 -7.12 -11.96
C VAL D 82 12.14 -7.32 -11.53
N PHE D 83 11.32 -6.27 -11.62
CA PHE D 83 9.93 -6.41 -11.24
C PHE D 83 9.14 -7.30 -12.18
N PHE D 84 9.57 -7.42 -13.45
CA PHE D 84 8.83 -8.19 -14.44
C PHE D 84 9.65 -9.25 -15.15
N GLY D 85 10.91 -9.43 -14.79
CA GLY D 85 11.79 -10.40 -15.43
C GLY D 85 11.99 -10.17 -16.90
N MET D 86 12.05 -8.92 -17.34
CA MET D 86 12.12 -8.59 -18.77
C MET D 86 13.13 -7.47 -19.00
N LYS D 87 13.65 -7.39 -20.22
CA LYS D 87 14.38 -6.16 -20.59
C LYS D 87 13.38 -5.01 -20.69
N THR D 88 13.83 -3.82 -20.30
CA THR D 88 12.89 -2.72 -20.14
C THR D 88 12.18 -2.39 -21.46
N GLY D 89 12.93 -2.41 -22.56
CA GLY D 89 12.37 -2.04 -23.85
C GLY D 89 11.35 -3.06 -24.35
N GLN D 90 11.46 -4.32 -23.90
CA GLN D 90 10.43 -5.31 -24.19
C GLN D 90 9.10 -4.90 -23.60
N ILE D 91 9.11 -4.26 -22.43
CA ILE D 91 7.85 -3.79 -21.86
C ILE D 91 7.33 -2.60 -22.65
N GLY D 92 8.20 -1.65 -22.99
CA GLY D 92 7.75 -0.52 -23.78
C GLY D 92 7.18 -0.92 -25.12
N ALA D 93 7.65 -2.03 -25.69
CA ALA D 93 7.07 -2.49 -26.95
C ALA D 93 5.59 -2.82 -26.80
N LEU D 94 5.15 -3.10 -25.57
CA LEU D 94 3.77 -3.48 -25.26
C LEU D 94 2.94 -2.36 -24.64
N SER D 95 3.56 -1.24 -24.27
CA SER D 95 2.83 -0.20 -23.55
C SER D 95 2.58 1.04 -24.41
N GLN D 96 2.64 0.90 -25.74
CA GLN D 96 2.27 2.01 -26.61
C GLN D 96 0.76 2.19 -26.62
N PRO D 97 0.27 3.33 -27.07
CA PRO D 97 -1.16 3.46 -27.36
C PRO D 97 -1.64 2.24 -28.14
N GLY D 98 -2.75 1.66 -27.70
CA GLY D 98 -3.26 0.45 -28.30
C GLY D 98 -2.57 -0.83 -27.86
N GLY D 99 -1.50 -0.73 -27.08
CA GLY D 99 -0.83 -1.92 -26.60
C GLY D 99 -1.48 -2.48 -25.35
N SER D 100 -1.20 -3.76 -25.06
CA SER D 100 -1.89 -4.41 -23.96
C SER D 100 -1.48 -3.85 -22.60
N LEU D 101 -0.34 -3.17 -22.52
CA LEU D 101 0.14 -2.64 -21.24
C LEU D 101 0.12 -1.11 -21.19
N TYR D 102 -0.70 -0.47 -22.01
CA TYR D 102 -0.73 0.99 -22.03
C TYR D 102 -0.99 1.53 -20.63
N GLY D 103 -0.15 2.49 -20.20
CA GLY D 103 -0.26 3.05 -18.87
C GLY D 103 0.51 2.34 -17.76
N ILE D 104 1.18 1.21 -18.03
CA ILE D 104 1.86 0.49 -16.95
C ILE D 104 2.90 1.34 -16.22
N GLU D 105 3.45 2.38 -16.87
CA GLU D 105 4.51 3.16 -16.26
C GLU D 105 4.05 3.93 -15.02
N HIS D 106 2.74 4.10 -14.86
CA HIS D 106 2.18 4.71 -13.65
C HIS D 106 2.33 3.85 -12.42
N SER D 107 2.64 2.57 -12.59
CA SER D 107 2.70 1.65 -11.46
C SER D 107 4.05 1.72 -10.79
N ASN D 108 4.12 1.18 -9.56
CA ASN D 108 5.39 0.93 -8.90
C ASN D 108 6.24 2.19 -8.72
N GLN D 109 5.58 3.33 -8.40
CA GLN D 109 6.26 4.64 -8.25
C GLN D 109 7.02 5.07 -9.49
N GLY D 110 6.61 4.58 -10.65
CA GLY D 110 7.22 4.99 -11.90
C GLY D 110 8.18 3.98 -12.51
N LEU D 111 7.81 3.44 -13.65
CA LEU D 111 8.70 2.52 -14.37
C LEU D 111 9.40 3.27 -15.49
N ILE D 112 10.43 2.63 -16.06
CA ILE D 112 11.02 3.07 -17.31
C ILE D 112 10.99 1.91 -18.27
N THR D 113 10.45 2.14 -19.47
CA THR D 113 10.16 1.04 -20.40
C THR D 113 10.86 1.23 -21.75
N PHE D 114 11.87 2.09 -21.83
CA PHE D 114 12.79 2.12 -22.96
C PHE D 114 14.09 1.43 -22.57
N PRO D 115 14.96 1.08 -23.53
CA PRO D 115 16.08 0.17 -23.24
C PRO D 115 17.08 0.72 -22.23
N GLY D 116 17.66 -0.20 -21.47
CA GLY D 116 18.73 0.10 -20.52
C GLY D 116 18.66 -0.72 -19.24
N GLY D 117 17.54 -1.41 -19.00
CA GLY D 117 17.41 -2.33 -17.86
C GLY D 117 17.40 -3.76 -18.35
N ILE D 118 18.17 -4.63 -17.68
CA ILE D 118 18.26 -6.06 -18.01
C ILE D 118 18.25 -6.92 -16.75
N PRO D 119 17.53 -8.04 -16.72
CA PRO D 119 17.63 -8.98 -15.60
C PRO D 119 19.00 -9.64 -15.47
N ILE D 120 19.42 -9.88 -14.22
CA ILE D 120 20.56 -10.73 -13.89
C ILE D 120 20.00 -12.09 -13.49
N VAL D 121 20.37 -13.14 -14.23
CA VAL D 121 19.85 -14.47 -13.95
C VAL D 121 21.02 -15.41 -13.64
N ASP D 122 20.85 -16.24 -12.61
CA ASP D 122 21.97 -17.04 -12.10
C ASP D 122 22.20 -18.25 -13.00
N ALA D 123 23.07 -19.17 -12.56
CA ALA D 123 23.43 -20.30 -13.41
C ALA D 123 22.18 -21.10 -13.80
N ASP D 124 21.36 -21.46 -12.82
CA ASP D 124 20.00 -21.86 -13.15
C ASP D 124 19.16 -20.63 -13.49
N GLY D 125 18.05 -20.86 -14.18
CA GLY D 125 17.26 -19.75 -14.64
C GLY D 125 16.46 -19.04 -13.58
N GLU D 126 17.09 -18.63 -12.48
CA GLU D 126 16.43 -17.84 -11.46
C GLU D 126 17.05 -16.45 -11.43
N MET D 127 16.19 -15.44 -11.42
CA MET D 127 16.61 -14.06 -11.51
C MET D 127 17.04 -13.56 -10.14
N SER D 128 18.23 -12.99 -10.06
CA SER D 128 18.76 -12.63 -8.76
C SER D 128 18.82 -11.14 -8.54
N GLY D 129 18.57 -10.36 -9.57
CA GLY D 129 18.77 -8.92 -9.51
C GLY D 129 18.55 -8.38 -10.90
N ALA D 130 18.88 -7.10 -11.08
CA ALA D 130 18.86 -6.54 -12.44
C ALA D 130 19.81 -5.35 -12.49
N ILE D 131 20.27 -5.03 -13.70
CA ILE D 131 21.13 -3.87 -13.92
C ILE D 131 20.31 -2.79 -14.64
N GLY D 132 20.63 -1.53 -14.36
CA GLY D 132 20.01 -0.43 -15.05
C GLY D 132 21.03 0.61 -15.47
N VAL D 133 20.95 1.08 -16.71
CA VAL D 133 21.94 2.00 -17.28
C VAL D 133 21.24 3.14 -17.99
N SER D 134 21.67 4.37 -17.69
CA SER D 134 21.17 5.59 -18.33
C SER D 134 22.30 6.59 -18.53
N GLY D 135 22.19 7.41 -19.60
CA GLY D 135 23.19 8.46 -19.85
C GLY D 135 23.55 8.71 -21.31
N SER D 136 22.99 7.92 -22.22
CA SER D 136 23.30 8.12 -23.64
C SER D 136 22.07 7.75 -24.46
N SER D 137 22.27 7.48 -25.75
CA SER D 137 21.22 6.86 -26.53
C SER D 137 20.77 5.56 -25.88
N VAL D 138 19.52 5.18 -26.11
CA VAL D 138 19.02 3.95 -25.50
C VAL D 138 19.76 2.74 -26.02
N GLU D 139 20.25 2.79 -27.26
CA GLU D 139 21.02 1.66 -27.78
C GLU D 139 22.34 1.50 -27.04
N ASN D 140 23.04 2.59 -26.80
CA ASN D 140 24.25 2.55 -25.99
C ASN D 140 23.91 2.11 -24.57
N ASP D 141 22.82 2.64 -24.02
CA ASP D 141 22.39 2.18 -22.70
C ASP D 141 22.24 0.67 -22.69
N ASP D 142 21.64 0.11 -23.74
CA ASP D 142 21.38 -1.32 -23.68
C ASP D 142 22.67 -2.12 -23.85
N ALA D 143 23.58 -1.62 -24.70
CA ALA D 143 24.83 -2.35 -24.89
C ALA D 143 25.63 -2.35 -23.60
N VAL D 144 25.66 -1.21 -22.90
CA VAL D 144 26.41 -1.15 -21.65
C VAL D 144 25.76 -2.05 -20.59
N ALA D 145 24.43 -2.04 -20.52
CA ALA D 145 23.74 -2.91 -19.56
C ALA D 145 24.06 -4.38 -19.80
N LEU D 146 24.08 -4.80 -21.08
CA LEU D 146 24.33 -6.19 -21.44
C LEU D 146 25.75 -6.58 -21.06
N ALA D 147 26.71 -5.69 -21.30
CA ALA D 147 28.07 -5.98 -20.89
C ALA D 147 28.13 -6.26 -19.39
N GLY D 148 27.47 -5.42 -18.58
CA GLY D 148 27.48 -5.62 -17.15
C GLY D 148 26.82 -6.92 -16.73
N ALA D 149 25.61 -7.16 -17.22
CA ALA D 149 24.88 -8.35 -16.79
C ALA D 149 25.52 -9.63 -17.32
N SER D 150 26.07 -9.57 -18.52
CA SER D 150 26.77 -10.73 -19.08
C SER D 150 28.02 -11.07 -18.30
N ALA D 151 28.58 -10.12 -17.55
CA ALA D 151 29.81 -10.42 -16.83
C ALA D 151 29.58 -11.36 -15.67
N ILE D 152 28.36 -11.49 -15.20
CA ILE D 152 28.11 -12.25 -13.98
C ILE D 152 27.03 -13.28 -14.16
N GLY D 153 26.56 -13.46 -15.39
CA GLY D 153 25.54 -14.49 -15.59
C GLY D 153 24.84 -14.34 -16.93
N ASP D 154 23.60 -14.85 -16.98
CA ASP D 154 22.84 -14.73 -18.22
C ASP D 154 21.85 -13.57 -18.14
#